data_9UTA
#
_entry.id   9UTA
#
_cell.length_a   1.00
_cell.length_b   1.00
_cell.length_c   1.00
_cell.angle_alpha   90.00
_cell.angle_beta   90.00
_cell.angle_gamma   90.00
#
_symmetry.space_group_name_H-M   'P 1'
#
loop_
_entity.id
_entity.type
_entity.pdbx_description
1 polymer 'Taste receptor type 1 member 2,Engineered red fluorescent protein mScarlet3'
2 polymer 'Taste receptor type 1 member 3,mNeonGreen'
#
loop_
_entity_poly.entity_id
_entity_poly.type
_entity_poly.pdbx_seq_one_letter_code
_entity_poly.pdbx_strand_id
1 'polypeptide(L)'
;MKTIIALSYIFCLVFAGSDYKDDDDKGSADFYLPGDYLLGGLFSLHANMKGIVHLNFLQVPMCKEYEVKVIGYNLMQAMR
FAVEEINNDSSLLPGVLLGYEIVDVCYISNNVQPVLYFLAHEDNLLPIQEDYSNYISRVVAVIGPDNSESVMTVANFLSL
FLLPQITYSAISDELRDKVRFPALLRTTPSADHHIEAMVQLMLHFRWNWIIVLVSSDTYGRDNGQLLGERVARRDICIAF
QETLPTLQPNQNMTSEERQRLVTIVDKLQQSTARVVVVFSPDLTLYHFFNEVLRQNFTGAVWIASESWAIDPVLHNLTEL
RHLGTFLGITIQSVPIPGFSEFREWGPQAGPPPLSRTSQSYTCNQECDNCLNATLSFNTILRLSGERVVYSVYSAVYAVA
HALHSLLGCDKSTCTKRVVYPWQLLEEIWKVNFTLLDHQIFFDPQGDVALHLEIVQWQWDRSQNPFQSVASYYPLQRQLK
NIQDISWHTINNTIPMSMCSKRCQSGQKKKPVGIHVCCFECIDCLPGTFLNHTEDEYECQACPNNEWSYQSETSCFKRQL
VFLEWHEAPTIAVALLAALGFLSTLAILVIFWRHFQTPIVRSAGGPMCFLMLTLLLVAYMVVPVYVGPPKVSTCLCRQAL
FPLCFTICISCIAVRSFQIVCAFKMASRFPRAYSYWVRYQGPYVSMAFITVLKMVIVVIGMLATGLSPTTRTDPDDPKIT
IVSCNPNYRNSLLFNTSLDLLLSVVGFSFAYMGKELPTNYNEAKFITLSMTFYFTSSVSLCTFMSAYSGVLVTIVDLLVT
VLNLLAISLGYFGPKCYMILFYPERNTPAYFNSMIQGYTMRRDGSSGLEVLFQGPSGGDSTEAVIKEFMRFKVHMEGSMN
GHEFEIEGEGEGRPYEGTQTAKLRVTKGGPLPFSWDILSPQFMYGSRAFTKHPADIPDYWKQSFPEGFKWERVMNFEDGG
AVSVAQDTSLEDGTLIYKVKLRGTNFPPDGPVMQKKTMGWEASTERLYPEDVVLKGDIKMALRLKDGGRYLADFKTTYRA
KKPVQMPGAFNIDRKLDITSHNEDYTVVEQYERSVARH
;
A
2 'polypeptide(L)'
;MKTIIALSYIFCLVFAGSDYKDDDDKGSAPLCLSQQLRMKGDYVLGGLFPLGEAEEAGLRSRTRPSSPVCTRFSSNGLLW
ALAMKMAVEEINNKSDLLPGLRLGYDLFDTCSEPVVAMKPSLMFLAKAGSRDIAAYCNYTQYQPRVLAVIGPHSSELAMV
TGKFFSFFLMPQVSYGASMELLSARETFPSFFRTVPSDRVQLTAAAELLQEFGWNWVAALGSDDEYGRQGLSIFSALAAA
RGICIAHEGLVPLPRADDSRLGKVQDVLHQVNQSSVQVVLLFASVHAAHALFNYSISSRLSPKVWVASEAWLTSDLVMGL
PGMAQMGTVLGFLQRGAQLHEFPQYVKTHLALATDPAFCSALGEREQGLEEDVVGQRCPQCDCITLQNVSAGLNHHQTFS
VYAAVYSVAQALHNTLQCNASGCPAQDPVKPWQLLENMYNLTFHVGGLPLRFDSSGNVDMEYDLKLWVWQGSVPRLHDVG
RFNGSLRTERLKIRWHTSDNQKPVSRCSRQCQEGQVRRVKGFHSCCYDCVDCEAGSYRQNPDDIACTFCGQDEWSPERST
RCFRRRSRFLAWGEPAVLLLLLLLSLALGLVLAALGLFVHHRDSPLVQASGGPLACFGLVCLGLVCLSVLLFPGQPSPAR
CLAQQPLSHLPLTGCLSTLFLQAAEIFVESELPLSWADRLSGCLRGPWAWLVVLLAMLVEVALCTWYLVAFPPEVVTDWH
MLPTEALVHCRTRSWVSFGLAHATNATLAFLCFLGTFLVRSQPGCYNRARGLTFAMLAYFITWVSFVPLLANVQVVLRPA
VQMGALLLCVLGILAAFHLPRCYLLMRQPGLNTPEFFLGGGPGDAQGQNDGNTGNQGKHEGSSGLEVLFQGPSGGVSKGE
EDNMASLPATHELHIFGSINGVDFDMVGQGTGNPNDGYEELNLKSTKGDLQFSPWILVPHIGYGFHQYLPYPDGMSPFQA
AMVDGSGYQVHRTMQFEDGASLTVNYRYTYEGSHIKGEAQVKGTGFPADGPVMTNSLTAADWCRSKKTYPNDKTIISTFK
WSYTTGNGKRYRSTARTTYTFAKPMAANYLKNQPMYVFRKTELKHSKTELNFKEWQKAFTDVMGMDELYKGSENLYFQSS
GHHHHHHHHH
;
B
#
# COMPACT_ATOMS: atom_id res chain seq x y z
N ILE A 522 -38.03 -28.98 16.98
CA ILE A 522 -36.60 -28.57 17.08
C ILE A 522 -35.99 -28.52 15.68
N ASP A 523 -35.05 -27.61 15.50
CA ASP A 523 -34.39 -27.42 14.22
C ASP A 523 -32.96 -27.95 14.30
N CYS A 524 -32.22 -27.79 13.21
CA CYS A 524 -30.82 -28.14 13.14
C CYS A 524 -30.12 -27.21 12.16
N LEU A 525 -28.99 -26.68 12.58
CA LEU A 525 -28.31 -25.64 11.84
C LEU A 525 -27.59 -26.24 10.62
N PRO A 526 -27.21 -25.38 9.67
CA PRO A 526 -26.66 -25.87 8.39
C PRO A 526 -25.68 -27.03 8.53
N GLY A 527 -25.70 -27.91 7.53
CA GLY A 527 -24.88 -29.10 7.52
C GLY A 527 -25.60 -30.34 8.02
N THR A 528 -26.73 -30.17 8.69
CA THR A 528 -27.54 -31.28 9.15
C THR A 528 -28.95 -31.03 8.66
N PHE A 529 -29.44 -31.91 7.78
CA PHE A 529 -30.71 -31.74 7.12
C PHE A 529 -31.73 -32.68 7.72
N LEU A 530 -32.96 -32.20 7.87
CA LEU A 530 -34.04 -33.07 8.29
C LEU A 530 -34.10 -34.27 7.35
N ASN A 531 -33.94 -35.47 7.89
CA ASN A 531 -33.90 -36.67 7.06
C ASN A 531 -35.32 -36.98 6.59
N HIS A 532 -35.82 -36.11 5.71
CA HIS A 532 -37.12 -36.37 5.09
C HIS A 532 -37.00 -37.32 3.92
N THR A 533 -35.80 -37.51 3.38
CA THR A 533 -35.58 -38.57 2.40
C THR A 533 -35.78 -39.94 3.00
N GLU A 534 -35.71 -40.05 4.32
CA GLU A 534 -35.82 -41.31 5.05
C GLU A 534 -36.46 -40.98 6.40
N ASP A 535 -36.28 -41.87 7.39
CA ASP A 535 -36.77 -41.60 8.74
C ASP A 535 -36.50 -40.17 9.16
N GLU A 536 -37.55 -39.45 9.53
CA GLU A 536 -37.49 -38.01 9.79
C GLU A 536 -37.28 -37.68 11.26
N TYR A 537 -37.11 -38.66 12.12
CA TYR A 537 -36.98 -38.36 13.55
C TYR A 537 -35.70 -37.61 13.85
N GLU A 538 -34.61 -37.93 13.15
CA GLU A 538 -33.31 -37.31 13.38
C GLU A 538 -32.87 -36.53 12.15
N CYS A 539 -32.14 -35.44 12.40
CA CYS A 539 -31.70 -34.54 11.34
C CYS A 539 -30.35 -35.00 10.80
N GLN A 540 -30.36 -36.22 10.24
CA GLN A 540 -29.15 -36.87 9.79
C GLN A 540 -28.32 -35.92 8.92
N ALA A 541 -27.02 -36.16 8.88
CA ALA A 541 -26.09 -35.33 8.13
C ALA A 541 -26.07 -35.80 6.68
N CYS A 542 -26.43 -34.89 5.77
CA CYS A 542 -26.49 -35.24 4.36
C CYS A 542 -25.07 -35.37 3.84
N PRO A 543 -24.66 -36.54 3.34
CA PRO A 543 -23.23 -36.78 3.14
C PRO A 543 -22.64 -36.00 1.98
N ASN A 544 -21.33 -35.79 2.06
CA ASN A 544 -20.55 -35.18 0.99
C ASN A 544 -21.04 -33.74 0.77
N ASN A 545 -20.99 -33.27 -0.47
CA ASN A 545 -21.36 -31.90 -0.78
C ASN A 545 -22.79 -31.58 -0.38
N GLU A 546 -23.64 -32.59 -0.22
CA GLU A 546 -25.04 -32.36 0.06
C GLU A 546 -25.22 -31.61 1.37
N TRP A 547 -26.20 -30.71 1.41
CA TRP A 547 -26.28 -29.74 2.50
C TRP A 547 -27.62 -29.01 2.44
N SER A 548 -28.16 -28.68 3.62
CA SER A 548 -29.45 -28.01 3.73
C SER A 548 -29.46 -27.10 4.95
N TYR A 549 -30.31 -26.07 4.91
CA TYR A 549 -30.32 -25.07 5.99
C TYR A 549 -31.10 -25.53 7.20
N GLN A 550 -32.41 -25.73 7.04
CA GLN A 550 -33.30 -26.04 8.15
C GLN A 550 -34.44 -26.86 7.61
N SER A 551 -34.78 -27.94 8.30
CA SER A 551 -35.80 -28.84 7.79
C SER A 551 -35.43 -29.18 6.35
N GLU A 552 -36.03 -28.48 5.37
CA GLU A 552 -35.52 -28.44 4.00
C GLU A 552 -35.16 -29.83 3.49
N THR A 553 -36.20 -30.64 3.36
CA THR A 553 -36.07 -32.04 2.97
C THR A 553 -34.95 -32.29 1.97
N SER A 554 -34.83 -31.45 0.95
CA SER A 554 -33.84 -31.69 -0.10
C SER A 554 -32.45 -31.20 0.33
N CYS A 555 -31.43 -31.69 -0.38
CA CYS A 555 -30.04 -31.31 -0.13
C CYS A 555 -29.47 -30.64 -1.38
N PHE A 556 -28.68 -29.59 -1.17
CA PHE A 556 -28.08 -28.85 -2.26
C PHE A 556 -26.69 -29.41 -2.56
N LYS A 557 -25.91 -28.65 -3.34
CA LYS A 557 -24.53 -28.97 -3.65
C LYS A 557 -23.63 -27.82 -3.21
N ARG A 558 -22.51 -28.16 -2.59
CA ARG A 558 -21.52 -27.17 -2.17
C ARG A 558 -20.56 -26.94 -3.33
N GLN A 559 -21.01 -26.16 -4.30
CA GLN A 559 -20.23 -25.93 -5.52
C GLN A 559 -18.91 -25.25 -5.18
N LEU A 560 -17.83 -25.77 -5.74
CA LEU A 560 -16.51 -25.18 -5.54
C LEU A 560 -16.23 -24.18 -6.65
N VAL A 561 -15.50 -23.12 -6.29
CA VAL A 561 -15.15 -22.05 -7.21
C VAL A 561 -13.65 -21.84 -7.21
N PHE A 562 -13.08 -21.66 -8.40
CA PHE A 562 -11.66 -21.36 -8.55
C PHE A 562 -11.52 -20.29 -9.62
N LEU A 563 -10.38 -19.59 -9.58
CA LEU A 563 -10.11 -18.49 -10.50
C LEU A 563 -10.54 -18.85 -11.91
N GLU A 564 -11.43 -18.05 -12.48
CA GLU A 564 -12.08 -18.33 -13.74
C GLU A 564 -11.53 -17.45 -14.84
N TRP A 565 -12.10 -17.58 -16.03
CA TRP A 565 -11.62 -16.89 -17.22
C TRP A 565 -12.36 -15.58 -17.44
N HIS A 566 -13.68 -15.65 -17.63
CA HIS A 566 -14.44 -14.45 -17.95
C HIS A 566 -14.38 -13.41 -16.83
N GLU A 567 -14.05 -13.84 -15.61
CA GLU A 567 -13.91 -12.90 -14.50
C GLU A 567 -13.00 -11.74 -14.91
N ALA A 568 -13.49 -10.52 -14.71
CA ALA A 568 -12.70 -9.36 -15.09
C ALA A 568 -11.34 -9.31 -14.40
N PRO A 569 -11.23 -9.57 -13.10
CA PRO A 569 -9.93 -9.44 -12.44
C PRO A 569 -8.84 -10.29 -13.07
N THR A 570 -9.18 -11.50 -13.50
CA THR A 570 -8.18 -12.34 -14.17
C THR A 570 -7.73 -11.71 -15.47
N ILE A 571 -8.63 -11.02 -16.17
CA ILE A 571 -8.24 -10.36 -17.41
C ILE A 571 -7.33 -9.19 -17.12
N ALA A 572 -7.64 -8.44 -16.06
CA ALA A 572 -6.75 -7.35 -15.66
C ALA A 572 -5.36 -7.88 -15.37
N VAL A 573 -5.26 -8.93 -14.56
CA VAL A 573 -3.95 -9.49 -14.25
C VAL A 573 -3.30 -10.02 -15.51
N ALA A 574 -4.08 -10.55 -16.45
CA ALA A 574 -3.51 -11.09 -17.67
C ALA A 574 -2.83 -9.99 -18.48
N LEU A 575 -3.50 -8.84 -18.61
CA LEU A 575 -2.88 -7.71 -19.31
C LEU A 575 -1.63 -7.26 -18.57
N LEU A 576 -1.70 -7.19 -17.24
CA LEU A 576 -0.57 -6.75 -16.45
C LEU A 576 0.63 -7.69 -16.64
N ALA A 577 0.36 -8.97 -16.77
CA ALA A 577 1.41 -9.95 -16.99
C ALA A 577 1.84 -10.04 -18.45
N ALA A 578 1.03 -9.54 -19.38
CA ALA A 578 1.39 -9.60 -20.79
C ALA A 578 2.27 -8.43 -21.20
N LEU A 579 1.85 -7.20 -20.87
CA LEU A 579 2.63 -6.04 -21.27
C LEU A 579 4.02 -6.08 -20.67
N GLY A 580 4.13 -6.43 -19.39
CA GLY A 580 5.44 -6.48 -18.76
C GLY A 580 6.35 -7.50 -19.40
N PHE A 581 5.81 -8.67 -19.74
CA PHE A 581 6.63 -9.68 -20.39
C PHE A 581 7.11 -9.18 -21.75
N LEU A 582 6.24 -8.50 -22.49
CA LEU A 582 6.69 -7.92 -23.76
C LEU A 582 7.81 -6.93 -23.53
N SER A 583 7.70 -6.12 -22.47
CA SER A 583 8.75 -5.16 -22.17
C SER A 583 10.08 -5.85 -21.90
N THR A 584 10.06 -6.92 -21.09
CA THR A 584 11.31 -7.61 -20.79
C THR A 584 11.89 -8.24 -22.03
N LEU A 585 11.05 -8.78 -22.91
CA LEU A 585 11.56 -9.37 -24.14
C LEU A 585 12.25 -8.34 -25.02
N ALA A 586 11.64 -7.17 -25.18
CA ALA A 586 12.28 -6.11 -25.94
C ALA A 586 13.61 -5.71 -25.32
N ILE A 587 13.64 -5.56 -23.99
CA ILE A 587 14.89 -5.16 -23.33
C ILE A 587 15.94 -6.25 -23.52
N LEU A 588 15.53 -7.51 -23.50
CA LEU A 588 16.46 -8.60 -23.74
C LEU A 588 17.14 -8.46 -25.08
N VAL A 589 16.35 -8.31 -26.14
CA VAL A 589 16.95 -8.26 -27.46
C VAL A 589 17.86 -7.04 -27.59
N ILE A 590 17.38 -5.88 -27.11
CA ILE A 590 18.15 -4.65 -27.30
C ILE A 590 19.48 -4.74 -26.56
N PHE A 591 19.46 -5.22 -25.33
CA PHE A 591 20.72 -5.39 -24.60
C PHE A 591 21.64 -6.36 -25.33
N TRP A 592 21.09 -7.48 -25.80
CA TRP A 592 21.92 -8.50 -26.39
C TRP A 592 22.66 -7.99 -27.61
N ARG A 593 22.01 -7.16 -28.43
CA ARG A 593 22.64 -6.77 -29.68
C ARG A 593 23.69 -5.66 -29.52
N HIS A 594 23.91 -5.16 -28.30
CA HIS A 594 24.93 -4.15 -28.05
C HIS A 594 25.97 -4.65 -27.05
N PHE A 595 26.49 -5.86 -27.27
CA PHE A 595 27.41 -6.45 -26.32
C PHE A 595 28.63 -5.57 -26.06
N GLN A 596 28.98 -4.71 -27.01
CA GLN A 596 30.19 -3.89 -26.90
C GLN A 596 29.98 -2.62 -26.09
N THR A 597 28.81 -1.99 -26.20
CA THR A 597 28.60 -0.71 -25.57
C THR A 597 28.84 -0.82 -24.06
N PRO A 598 29.52 0.15 -23.45
CA PRO A 598 29.91 -0.02 -22.04
C PRO A 598 28.73 -0.13 -21.10
N ILE A 599 27.55 0.33 -21.50
CA ILE A 599 26.37 0.15 -20.66
C ILE A 599 26.11 -1.32 -20.41
N VAL A 600 26.08 -2.11 -21.49
CA VAL A 600 25.83 -3.54 -21.35
C VAL A 600 26.94 -4.20 -20.56
N ARG A 601 28.16 -3.69 -20.65
CA ARG A 601 29.29 -4.28 -19.93
C ARG A 601 29.36 -3.84 -18.48
N SER A 602 28.64 -2.80 -18.10
CA SER A 602 28.63 -2.37 -16.71
C SER A 602 27.68 -3.20 -15.84
N ALA A 603 26.77 -3.95 -16.45
CA ALA A 603 25.81 -4.76 -15.70
C ALA A 603 26.44 -5.98 -15.07
N GLY A 604 27.75 -6.17 -15.25
CA GLY A 604 28.43 -7.33 -14.73
C GLY A 604 28.74 -8.40 -15.75
N GLY A 605 28.15 -8.32 -16.94
CA GLY A 605 28.39 -9.28 -18.00
C GLY A 605 27.24 -10.25 -18.16
N PRO A 606 27.54 -11.46 -18.63
CA PRO A 606 26.50 -12.49 -18.72
C PRO A 606 25.69 -12.65 -17.44
N MET A 607 26.24 -12.24 -16.29
CA MET A 607 25.47 -12.33 -15.05
C MET A 607 24.12 -11.65 -15.20
N CYS A 608 24.09 -10.47 -15.80
CA CYS A 608 22.82 -9.77 -15.95
C CYS A 608 21.83 -10.63 -16.72
N PHE A 609 22.31 -11.34 -17.74
CA PHE A 609 21.41 -12.22 -18.47
C PHE A 609 20.87 -13.31 -17.55
N LEU A 610 21.72 -13.88 -16.69
CA LEU A 610 21.22 -14.85 -15.72
C LEU A 610 20.05 -14.28 -14.94
N MET A 611 20.09 -12.99 -14.62
CA MET A 611 18.91 -12.32 -14.08
C MET A 611 17.75 -12.37 -15.06
N LEU A 612 17.90 -11.71 -16.22
CA LEU A 612 16.76 -11.43 -17.07
C LEU A 612 16.01 -12.71 -17.42
N THR A 613 16.74 -13.73 -17.87
CA THR A 613 16.08 -14.95 -18.30
C THR A 613 15.11 -15.43 -17.23
N LEU A 614 15.58 -15.49 -15.97
CA LEU A 614 14.74 -16.05 -14.92
C LEU A 614 13.43 -15.30 -14.80
N LEU A 615 13.47 -13.98 -14.92
CA LEU A 615 12.25 -13.20 -14.77
C LEU A 615 11.19 -13.64 -15.76
N LEU A 616 11.58 -13.99 -16.98
CA LEU A 616 10.59 -14.47 -17.94
C LEU A 616 9.81 -15.63 -17.35
N VAL A 617 10.52 -16.61 -16.78
CA VAL A 617 9.85 -17.75 -16.18
C VAL A 617 8.76 -17.28 -15.23
N ALA A 618 9.08 -16.27 -14.40
CA ALA A 618 8.07 -15.72 -13.51
C ALA A 618 6.78 -15.39 -14.26
N TYR A 619 6.85 -14.46 -15.23
CA TYR A 619 5.64 -14.09 -15.94
C TYR A 619 5.05 -15.27 -16.66
N MET A 620 5.87 -16.25 -17.04
CA MET A 620 5.39 -17.39 -17.79
C MET A 620 4.53 -18.31 -16.95
N VAL A 621 4.56 -18.13 -15.62
CA VAL A 621 3.95 -19.05 -14.68
C VAL A 621 2.58 -18.57 -14.19
N VAL A 622 2.22 -17.31 -14.42
CA VAL A 622 0.92 -16.81 -13.97
C VAL A 622 -0.19 -17.71 -14.46
N PRO A 623 -0.19 -18.21 -15.70
CA PRO A 623 -1.22 -19.17 -16.10
C PRO A 623 -1.20 -20.48 -15.32
N VAL A 624 -0.33 -20.63 -14.32
CA VAL A 624 -0.48 -21.71 -13.36
C VAL A 624 -1.51 -21.37 -12.30
N TYR A 625 -1.78 -20.10 -12.08
CA TYR A 625 -2.75 -19.67 -11.07
C TYR A 625 -4.17 -19.61 -11.59
N VAL A 626 -4.43 -20.08 -12.81
CA VAL A 626 -5.77 -20.14 -13.35
C VAL A 626 -6.04 -21.56 -13.85
N GLY A 627 -7.21 -22.08 -13.49
CA GLY A 627 -7.57 -23.45 -13.79
C GLY A 627 -7.83 -24.23 -12.52
N PRO A 628 -8.41 -25.42 -12.64
CA PRO A 628 -8.64 -26.25 -11.46
C PRO A 628 -7.33 -26.60 -10.78
N PRO A 629 -7.27 -26.56 -9.45
CA PRO A 629 -6.00 -26.84 -8.78
C PRO A 629 -5.81 -28.30 -8.38
N LYS A 630 -4.66 -28.87 -8.71
CA LYS A 630 -4.29 -30.19 -8.22
C LYS A 630 -2.80 -30.18 -7.86
N VAL A 631 -2.28 -31.35 -7.46
CA VAL A 631 -0.88 -31.45 -7.10
C VAL A 631 0.02 -31.08 -8.27
N SER A 632 -0.38 -31.47 -9.48
CA SER A 632 0.44 -31.22 -10.66
C SER A 632 0.86 -29.76 -10.76
N THR A 633 -0.09 -28.85 -10.64
CA THR A 633 0.20 -27.43 -10.74
C THR A 633 0.56 -26.79 -9.40
N CYS A 634 0.06 -27.35 -8.30
CA CYS A 634 0.42 -26.80 -7.00
C CYS A 634 1.90 -26.98 -6.73
N LEU A 635 2.51 -28.04 -7.26
CA LEU A 635 3.95 -28.20 -7.07
C LEU A 635 4.69 -27.01 -7.66
N CYS A 636 4.37 -26.66 -8.91
CA CYS A 636 4.96 -25.47 -9.50
C CYS A 636 4.67 -24.25 -8.65
N ARG A 637 3.40 -24.03 -8.31
CA ARG A 637 3.03 -22.83 -7.56
C ARG A 637 3.84 -22.68 -6.28
N GLN A 638 4.12 -23.77 -5.60
CA GLN A 638 4.79 -23.68 -4.32
C GLN A 638 6.31 -23.67 -4.43
N ALA A 639 6.87 -24.31 -5.45
CA ALA A 639 8.31 -24.56 -5.51
C ALA A 639 9.05 -23.81 -6.60
N LEU A 640 8.48 -23.68 -7.80
CA LEU A 640 9.23 -23.08 -8.90
C LEU A 640 9.25 -21.57 -8.79
N PHE A 641 8.08 -20.94 -8.84
CA PHE A 641 8.01 -19.48 -8.84
C PHE A 641 8.79 -18.83 -7.71
N PRO A 642 8.66 -19.24 -6.45
CA PRO A 642 9.37 -18.50 -5.41
C PRO A 642 10.83 -18.85 -5.31
N LEU A 643 11.32 -19.75 -6.17
CA LEU A 643 12.75 -20.01 -6.24
C LEU A 643 13.49 -18.81 -6.80
N CYS A 644 13.00 -18.27 -7.92
CA CYS A 644 13.73 -17.21 -8.61
C CYS A 644 13.82 -15.96 -7.77
N PHE A 645 12.70 -15.49 -7.22
CA PHE A 645 12.65 -14.19 -6.57
C PHE A 645 13.79 -14.00 -5.59
N THR A 646 14.11 -15.02 -4.79
CA THR A 646 15.20 -14.89 -3.84
C THR A 646 16.52 -14.60 -4.55
N ILE A 647 16.82 -15.36 -5.61
CA ILE A 647 18.07 -15.15 -6.33
C ILE A 647 18.07 -13.77 -7.00
N CYS A 648 16.94 -13.40 -7.58
CA CYS A 648 16.85 -12.18 -8.37
C CYS A 648 16.90 -10.93 -7.51
N ILE A 649 16.57 -11.03 -6.23
CA ILE A 649 16.82 -9.93 -5.31
C ILE A 649 18.20 -10.04 -4.67
N SER A 650 18.74 -11.26 -4.50
CA SER A 650 20.10 -11.39 -4.00
C SER A 650 21.10 -10.83 -4.98
N CYS A 651 20.82 -10.90 -6.28
CA CYS A 651 21.73 -10.32 -7.25
C CYS A 651 21.85 -8.81 -7.02
N ILE A 652 20.73 -8.13 -6.79
CA ILE A 652 20.79 -6.71 -6.51
C ILE A 652 21.44 -6.45 -5.16
N ALA A 653 21.19 -7.32 -4.19
CA ALA A 653 21.81 -7.13 -2.89
C ALA A 653 23.33 -7.15 -3.01
N VAL A 654 23.87 -8.18 -3.66
CA VAL A 654 25.31 -8.25 -3.82
C VAL A 654 25.79 -7.18 -4.78
N ARG A 655 24.93 -6.68 -5.66
CA ARG A 655 25.31 -5.58 -6.53
C ARG A 655 25.59 -4.33 -5.72
N SER A 656 24.69 -4.00 -4.80
CA SER A 656 24.97 -2.90 -3.87
C SER A 656 26.21 -3.19 -3.06
N PHE A 657 26.39 -4.46 -2.66
CA PHE A 657 27.62 -4.85 -1.98
C PHE A 657 28.83 -4.41 -2.79
N GLN A 658 28.83 -4.72 -4.09
CA GLN A 658 29.89 -4.22 -4.96
C GLN A 658 30.00 -2.70 -4.86
N ILE A 659 28.94 -2.00 -5.27
CA ILE A 659 29.01 -0.54 -5.41
C ILE A 659 29.69 0.09 -4.22
N VAL A 660 29.26 -0.27 -3.02
CA VAL A 660 29.79 0.41 -1.85
C VAL A 660 31.05 -0.30 -1.36
N CYS A 661 30.92 -1.55 -0.94
CA CYS A 661 32.00 -2.22 -0.24
C CYS A 661 33.25 -2.36 -1.10
N ALA A 662 33.10 -2.75 -2.37
CA ALA A 662 34.23 -3.21 -3.15
C ALA A 662 35.41 -2.25 -3.08
N PHE A 663 35.13 -0.96 -2.94
CA PHE A 663 36.16 0.05 -2.75
C PHE A 663 36.17 0.64 -1.35
N LYS A 664 35.03 0.60 -0.67
CA LYS A 664 34.98 1.12 0.70
C LYS A 664 35.82 0.25 1.63
N MET A 665 35.60 -1.06 1.59
CA MET A 665 36.39 -1.97 2.43
C MET A 665 37.77 -2.22 1.84
N ALA A 666 37.89 -2.28 0.52
CA ALA A 666 39.21 -2.31 -0.11
C ALA A 666 39.94 -0.99 0.08
N SER A 667 39.25 0.05 0.55
CA SER A 667 39.88 1.28 1.00
C SER A 667 39.73 1.53 2.49
N ARG A 668 38.82 0.81 3.17
CA ARG A 668 38.71 0.88 4.62
C ARG A 668 39.38 -0.29 5.31
N PHE A 669 39.46 -1.44 4.66
CA PHE A 669 40.16 -2.61 5.20
C PHE A 669 41.01 -3.25 4.11
N PRO A 670 41.82 -2.47 3.38
CA PRO A 670 42.70 -3.08 2.38
C PRO A 670 43.69 -4.07 2.97
N ARG A 671 43.89 -4.04 4.28
CA ARG A 671 44.88 -4.90 4.93
C ARG A 671 44.72 -6.35 4.52
N ALA A 672 43.48 -6.84 4.46
CA ALA A 672 43.23 -8.19 3.98
C ALA A 672 42.17 -8.20 2.88
N TYR A 673 41.22 -7.26 2.97
CA TYR A 673 40.05 -7.30 2.10
C TYR A 673 40.42 -7.44 0.63
N SER A 674 41.41 -6.67 0.19
CA SER A 674 41.77 -6.62 -1.23
C SER A 674 42.00 -8.02 -1.80
N TYR A 675 42.74 -8.86 -1.07
CA TYR A 675 43.02 -10.21 -1.51
C TYR A 675 41.98 -11.21 -1.03
N TRP A 676 41.23 -10.89 0.03
CA TRP A 676 40.25 -11.83 0.55
C TRP A 676 39.05 -11.93 -0.37
N VAL A 677 38.56 -10.79 -0.85
CA VAL A 677 37.45 -10.80 -1.80
C VAL A 677 37.93 -10.91 -3.25
N ARG A 678 39.25 -10.99 -3.47
CA ARG A 678 39.75 -11.16 -4.81
C ARG A 678 39.29 -12.49 -5.40
N TYR A 679 39.40 -13.57 -4.62
CA TYR A 679 39.21 -14.92 -5.15
C TYR A 679 37.78 -15.41 -4.99
N GLN A 680 37.14 -15.11 -3.87
CA GLN A 680 35.77 -15.53 -3.61
C GLN A 680 34.80 -14.46 -4.10
N GLY A 681 34.80 -14.27 -5.41
CA GLY A 681 33.97 -13.27 -6.03
C GLY A 681 32.55 -13.36 -5.51
N PRO A 682 31.77 -12.31 -5.71
CA PRO A 682 30.44 -12.24 -5.09
C PRO A 682 29.54 -13.40 -5.46
N TYR A 683 29.89 -14.14 -6.50
CA TYR A 683 29.03 -15.22 -6.99
C TYR A 683 28.77 -16.27 -5.91
N VAL A 684 29.81 -16.64 -5.17
CA VAL A 684 29.63 -17.64 -4.13
C VAL A 684 28.78 -17.10 -3.00
N SER A 685 28.95 -15.81 -2.68
CA SER A 685 28.14 -15.22 -1.61
C SER A 685 26.67 -15.23 -2.00
N MET A 686 26.38 -15.06 -3.29
CA MET A 686 25.01 -15.21 -3.75
C MET A 686 24.58 -16.68 -3.73
N ALA A 687 25.53 -17.58 -4.00
CA ALA A 687 25.20 -18.99 -4.04
C ALA A 687 24.78 -19.48 -2.65
N PHE A 688 25.43 -19.00 -1.61
CA PHE A 688 25.02 -19.40 -0.28
C PHE A 688 23.57 -19.00 0.02
N ILE A 689 23.14 -17.83 -0.46
CA ILE A 689 21.75 -17.42 -0.27
C ILE A 689 20.82 -18.36 -1.04
N THR A 690 21.18 -18.70 -2.28
CA THR A 690 20.39 -19.70 -3.00
C THR A 690 20.29 -20.99 -2.19
N VAL A 691 21.39 -21.40 -1.56
CA VAL A 691 21.39 -22.63 -0.76
C VAL A 691 20.39 -22.53 0.38
N LEU A 692 20.46 -21.45 1.13
CA LEU A 692 19.50 -21.25 2.21
C LEU A 692 18.07 -21.33 1.69
N LYS A 693 17.84 -20.76 0.50
CA LYS A 693 16.49 -20.78 -0.05
C LYS A 693 16.04 -22.21 -0.35
N MET A 694 16.93 -23.02 -0.95
CA MET A 694 16.54 -24.40 -1.18
C MET A 694 16.21 -25.10 0.12
N VAL A 695 17.03 -24.88 1.15
CA VAL A 695 16.80 -25.55 2.42
C VAL A 695 15.43 -25.18 2.97
N ILE A 696 15.11 -23.89 2.97
CA ILE A 696 13.85 -23.46 3.56
C ILE A 696 12.68 -23.99 2.75
N VAL A 697 12.79 -23.99 1.43
CA VAL A 697 11.69 -24.48 0.61
C VAL A 697 11.41 -25.94 0.93
N VAL A 698 12.47 -26.76 0.98
CA VAL A 698 12.25 -28.18 1.25
C VAL A 698 11.70 -28.37 2.65
N ILE A 699 12.20 -27.60 3.62
CA ILE A 699 11.72 -27.76 4.99
C ILE A 699 10.23 -27.45 5.06
N GLY A 700 9.80 -26.36 4.45
CA GLY A 700 8.39 -26.04 4.46
C GLY A 700 7.55 -27.08 3.76
N MET A 701 8.01 -27.55 2.60
CA MET A 701 7.26 -28.56 1.86
C MET A 701 7.05 -29.80 2.71
N LEU A 702 8.10 -30.23 3.42
CA LEU A 702 7.93 -31.35 4.35
C LEU A 702 6.98 -30.97 5.48
N ALA A 703 7.09 -29.75 5.98
CA ALA A 703 6.30 -29.34 7.15
C ALA A 703 4.82 -29.39 6.83
N THR A 704 4.45 -29.11 5.60
CA THR A 704 3.06 -29.12 5.19
C THR A 704 2.89 -30.20 4.12
N GLY A 705 1.72 -30.21 3.49
CA GLY A 705 1.46 -31.14 2.41
C GLY A 705 1.24 -30.46 1.08
N LEU A 706 1.29 -31.26 0.01
CA LEU A 706 0.86 -30.81 -1.31
C LEU A 706 -0.64 -30.95 -1.51
N SER A 707 -1.35 -31.44 -0.51
CA SER A 707 -2.78 -31.66 -0.68
C SER A 707 -3.48 -30.34 -0.98
N PRO A 708 -4.29 -30.26 -2.03
CA PRO A 708 -5.11 -29.07 -2.22
C PRO A 708 -6.09 -28.89 -1.07
N THR A 709 -6.37 -27.64 -0.75
CA THR A 709 -7.15 -27.28 0.43
C THR A 709 -8.53 -26.81 0.01
N THR A 710 -9.55 -27.27 0.75
CA THR A 710 -10.93 -26.90 0.52
C THR A 710 -11.46 -26.11 1.72
N ARG A 711 -12.18 -25.03 1.45
CA ARG A 711 -12.66 -24.11 2.46
C ARG A 711 -14.09 -23.71 2.16
N THR A 712 -14.72 -23.02 3.10
CA THR A 712 -16.13 -22.67 3.02
C THR A 712 -16.28 -21.17 2.78
N ASP A 713 -17.05 -20.81 1.76
CA ASP A 713 -17.21 -19.42 1.36
C ASP A 713 -18.31 -18.76 2.20
N PRO A 714 -18.01 -17.72 2.98
CA PRO A 714 -19.05 -17.13 3.84
C PRO A 714 -20.21 -16.53 3.06
N ASP A 715 -20.01 -16.15 1.80
CA ASP A 715 -21.09 -15.51 1.04
C ASP A 715 -22.34 -16.37 1.05
N ASP A 716 -22.18 -17.68 1.09
CA ASP A 716 -23.30 -18.60 1.26
C ASP A 716 -22.72 -19.99 1.46
N PRO A 717 -23.33 -20.84 2.28
CA PRO A 717 -22.78 -22.20 2.43
C PRO A 717 -22.77 -22.97 1.14
N LYS A 718 -23.52 -22.53 0.12
CA LYS A 718 -23.60 -23.26 -1.13
C LYS A 718 -22.29 -23.23 -1.91
N ILE A 719 -21.37 -22.32 -1.58
CA ILE A 719 -20.13 -22.14 -2.31
C ILE A 719 -18.96 -22.51 -1.41
N THR A 720 -17.88 -22.97 -2.05
CA THR A 720 -16.67 -23.36 -1.35
C THR A 720 -15.47 -23.04 -2.24
N ILE A 721 -14.28 -23.15 -1.66
CA ILE A 721 -13.04 -22.73 -2.30
C ILE A 721 -12.04 -23.86 -2.29
N VAL A 722 -11.19 -23.88 -3.31
CA VAL A 722 -10.11 -24.84 -3.45
C VAL A 722 -8.86 -24.09 -3.88
N SER A 723 -7.75 -24.33 -3.20
CA SER A 723 -6.52 -23.60 -3.48
C SER A 723 -5.32 -24.46 -3.10
N CYS A 724 -4.14 -24.01 -3.50
CA CYS A 724 -2.93 -24.66 -3.06
C CYS A 724 -2.74 -24.44 -1.56
N ASN A 725 -1.72 -25.07 -1.01
CA ASN A 725 -1.63 -25.20 0.44
C ASN A 725 -1.15 -23.92 1.11
N PRO A 726 -0.18 -23.19 0.52
CA PRO A 726 0.30 -21.98 1.20
C PRO A 726 -0.69 -20.83 1.15
N ASN A 727 -1.92 -21.10 0.70
CA ASN A 727 -2.92 -20.05 0.62
C ASN A 727 -3.07 -19.32 1.94
N TYR A 728 -2.94 -20.03 3.05
CA TYR A 728 -2.95 -19.37 4.35
C TYR A 728 -1.82 -18.36 4.42
N ARG A 729 -2.14 -17.17 4.93
CA ARG A 729 -1.12 -16.12 4.98
C ARG A 729 0.07 -16.53 5.84
N ASN A 730 -0.13 -17.42 6.81
CA ASN A 730 1.00 -17.90 7.58
C ASN A 730 1.98 -18.65 6.69
N SER A 731 1.49 -19.62 5.92
CA SER A 731 2.36 -20.35 5.00
C SER A 731 2.84 -19.48 3.85
N LEU A 732 2.13 -18.40 3.54
CA LEU A 732 2.63 -17.46 2.53
C LEU A 732 3.82 -16.68 3.07
N LEU A 733 3.69 -16.15 4.29
CA LEU A 733 4.80 -15.49 4.97
C LEU A 733 5.93 -16.45 5.27
N PHE A 734 5.67 -17.76 5.25
CA PHE A 734 6.73 -18.74 5.45
C PHE A 734 7.97 -18.39 4.64
N ASN A 735 7.78 -17.75 3.48
CA ASN A 735 8.89 -17.36 2.62
C ASN A 735 9.19 -15.87 2.61
N THR A 736 8.22 -15.01 2.88
CA THR A 736 8.48 -13.57 2.85
C THR A 736 9.15 -13.11 4.13
N SER A 737 10.22 -13.78 4.52
CA SER A 737 11.10 -13.31 5.59
C SER A 737 12.50 -13.06 5.08
N LEU A 738 13.17 -14.08 4.52
CA LEU A 738 14.50 -13.87 3.97
C LEU A 738 14.46 -12.95 2.77
N ASP A 739 13.39 -13.01 1.97
CA ASP A 739 13.28 -12.11 0.83
C ASP A 739 13.17 -10.66 1.27
N LEU A 740 12.35 -10.41 2.29
CA LEU A 740 12.26 -9.05 2.82
C LEU A 740 13.59 -8.62 3.44
N LEU A 741 14.28 -9.55 4.10
CA LEU A 741 15.59 -9.20 4.64
C LEU A 741 16.54 -8.80 3.53
N LEU A 742 16.55 -9.56 2.44
CA LEU A 742 17.39 -9.21 1.30
C LEU A 742 17.01 -7.84 0.75
N SER A 743 15.71 -7.58 0.62
CA SER A 743 15.28 -6.31 0.05
C SER A 743 15.71 -5.15 0.93
N VAL A 744 15.56 -5.28 2.23
CA VAL A 744 15.93 -4.18 3.12
C VAL A 744 17.44 -3.95 3.07
N VAL A 745 18.23 -5.03 3.07
CA VAL A 745 19.68 -4.82 3.05
C VAL A 745 20.10 -4.16 1.74
N GLY A 746 19.53 -4.61 0.63
CA GLY A 746 19.85 -4.00 -0.64
C GLY A 746 19.49 -2.52 -0.67
N PHE A 747 18.31 -2.17 -0.16
CA PHE A 747 17.93 -0.76 -0.15
C PHE A 747 18.88 0.05 0.71
N SER A 748 19.27 -0.49 1.86
CA SER A 748 20.21 0.22 2.71
C SER A 748 21.49 0.53 1.95
N PHE A 749 22.10 -0.48 1.35
CA PHE A 749 23.36 -0.25 0.66
C PHE A 749 23.19 0.72 -0.50
N ALA A 750 22.11 0.57 -1.26
CA ALA A 750 21.89 1.46 -2.41
C ALA A 750 21.76 2.91 -1.95
N TYR A 751 20.90 3.16 -0.98
CA TYR A 751 20.79 4.52 -0.45
C TYR A 751 22.14 5.02 0.03
N MET A 752 22.97 4.12 0.56
CA MET A 752 24.30 4.54 1.00
C MET A 752 25.02 5.31 -0.10
N GLY A 753 24.85 4.88 -1.36
CA GLY A 753 25.50 5.52 -2.47
C GLY A 753 24.50 6.13 -3.43
N LYS A 754 23.48 6.79 -2.89
CA LYS A 754 22.39 7.31 -3.70
C LYS A 754 22.92 8.20 -4.84
N GLU A 755 23.80 9.13 -4.51
CA GLU A 755 24.28 10.09 -5.48
C GLU A 755 25.77 10.36 -5.36
N LEU A 756 26.38 10.06 -4.23
CA LEU A 756 27.82 10.24 -4.10
C LEU A 756 28.57 9.51 -5.19
N PRO A 757 28.27 8.24 -5.50
CA PRO A 757 28.83 7.61 -6.69
C PRO A 757 27.89 7.75 -7.87
N THR A 758 28.46 7.59 -9.06
CA THR A 758 27.69 7.70 -10.28
C THR A 758 28.11 6.65 -11.30
N ASN A 759 28.32 5.40 -10.85
CA ASN A 759 28.90 4.36 -11.69
C ASN A 759 28.24 4.35 -13.06
N TYR A 760 26.96 4.01 -13.08
CA TYR A 760 26.13 4.25 -14.25
C TYR A 760 24.73 4.65 -13.83
N ASN A 761 24.60 5.27 -12.65
CA ASN A 761 23.33 5.65 -12.08
C ASN A 761 22.48 4.41 -11.77
N GLU A 762 23.05 3.50 -11.01
CA GLU A 762 22.32 2.29 -10.63
C GLU A 762 21.78 2.36 -9.22
N ALA A 763 22.43 3.10 -8.34
CA ALA A 763 21.92 3.23 -6.98
C ALA A 763 20.50 3.81 -6.98
N LYS A 764 20.25 4.80 -7.83
CA LYS A 764 18.95 5.45 -7.87
C LYS A 764 17.86 4.45 -8.23
N PHE A 765 18.06 3.72 -9.32
CA PHE A 765 17.07 2.75 -9.76
C PHE A 765 16.87 1.65 -8.73
N ILE A 766 17.95 1.19 -8.10
CA ILE A 766 17.80 0.20 -7.05
C ILE A 766 16.89 0.74 -5.95
N THR A 767 17.08 2.00 -5.57
CA THR A 767 16.25 2.58 -4.52
C THR A 767 14.78 2.59 -4.93
N LEU A 768 14.49 3.01 -6.16
CA LEU A 768 13.10 3.07 -6.59
C LEU A 768 12.46 1.68 -6.56
N SER A 769 13.16 0.67 -7.08
CA SER A 769 12.60 -0.67 -7.11
C SER A 769 12.34 -1.19 -5.68
N MET A 770 13.28 -0.95 -4.77
CA MET A 770 13.07 -1.39 -3.40
C MET A 770 11.86 -0.71 -2.77
N THR A 771 11.68 0.59 -3.03
CA THR A 771 10.52 1.28 -2.48
C THR A 771 9.23 0.65 -2.98
N PHE A 772 9.17 0.36 -4.28
CA PHE A 772 7.95 -0.25 -4.81
C PHE A 772 7.69 -1.61 -4.17
N TYR A 773 8.74 -2.40 -3.98
CA TYR A 773 8.57 -3.70 -3.32
C TYR A 773 7.96 -3.52 -1.93
N PHE A 774 8.51 -2.59 -1.16
CA PHE A 774 8.05 -2.43 0.21
C PHE A 774 6.59 -1.99 0.26
N THR A 775 6.21 -1.06 -0.63
CA THR A 775 4.82 -0.62 -0.62
C THR A 775 3.87 -1.78 -0.98
N SER A 776 4.24 -2.60 -1.96
CA SER A 776 3.39 -3.74 -2.31
C SER A 776 3.22 -4.68 -1.11
N SER A 777 4.32 -4.98 -0.42
CA SER A 777 4.24 -5.89 0.72
C SER A 777 3.32 -5.35 1.80
N VAL A 778 3.52 -4.10 2.22
CA VAL A 778 2.72 -3.53 3.29
C VAL A 778 1.24 -3.46 2.89
N SER A 779 0.97 -3.08 1.63
CA SER A 779 -0.41 -3.02 1.16
C SER A 779 -1.09 -4.37 1.31
N LEU A 780 -0.44 -5.44 0.84
CA LEU A 780 -1.08 -6.75 0.90
C LEU A 780 -1.31 -7.16 2.35
N CYS A 781 -0.34 -6.92 3.22
CA CYS A 781 -0.54 -7.29 4.62
C CYS A 781 -1.76 -6.62 5.19
N THR A 782 -1.88 -5.30 4.98
CA THR A 782 -3.00 -4.58 5.55
C THR A 782 -4.33 -5.09 4.99
N PHE A 783 -4.40 -5.31 3.68
CA PHE A 783 -5.66 -5.77 3.10
C PHE A 783 -6.04 -7.13 3.64
N MET A 784 -5.08 -8.05 3.75
CA MET A 784 -5.41 -9.40 4.20
C MET A 784 -5.71 -9.45 5.69
N SER A 785 -5.35 -8.42 6.45
CA SER A 785 -5.80 -8.38 7.83
C SER A 785 -7.32 -8.52 7.94
N ALA A 786 -8.06 -7.82 7.09
CA ALA A 786 -9.51 -7.82 7.20
C ALA A 786 -10.17 -9.00 6.50
N TYR A 787 -9.64 -9.43 5.34
CA TYR A 787 -10.19 -10.53 4.54
C TYR A 787 -11.26 -10.02 3.61
N SER A 788 -11.42 -10.65 2.45
CA SER A 788 -12.36 -10.17 1.44
C SER A 788 -13.11 -11.30 0.76
N GLY A 789 -13.36 -12.40 1.48
CA GLY A 789 -14.11 -13.49 0.87
C GLY A 789 -13.35 -14.09 -0.28
N VAL A 790 -14.02 -14.25 -1.42
CA VAL A 790 -13.43 -14.91 -2.58
C VAL A 790 -12.73 -13.81 -3.36
N LEU A 791 -11.58 -13.38 -2.84
CA LEU A 791 -10.72 -12.45 -3.55
C LEU A 791 -9.24 -12.72 -3.31
N VAL A 792 -8.87 -13.59 -2.38
CA VAL A 792 -7.49 -13.70 -1.96
C VAL A 792 -6.63 -14.21 -3.10
N THR A 793 -7.12 -15.19 -3.85
CA THR A 793 -6.35 -15.71 -4.98
C THR A 793 -5.97 -14.60 -5.94
N ILE A 794 -6.94 -13.81 -6.37
CA ILE A 794 -6.68 -12.79 -7.38
C ILE A 794 -5.80 -11.68 -6.80
N VAL A 795 -6.04 -11.28 -5.56
CA VAL A 795 -5.19 -10.25 -4.96
C VAL A 795 -3.75 -10.73 -4.87
N ASP A 796 -3.55 -12.00 -4.53
CA ASP A 796 -2.21 -12.55 -4.43
C ASP A 796 -1.52 -12.53 -5.78
N LEU A 797 -2.21 -13.02 -6.81
CA LEU A 797 -1.63 -13.01 -8.14
C LEU A 797 -1.28 -11.58 -8.56
N LEU A 798 -2.15 -10.63 -8.21
CA LEU A 798 -1.91 -9.24 -8.54
C LEU A 798 -0.62 -8.74 -7.92
N VAL A 799 -0.44 -8.98 -6.62
CA VAL A 799 0.76 -8.46 -5.96
C VAL A 799 2.01 -9.13 -6.52
N THR A 800 1.94 -10.43 -6.83
CA THR A 800 3.12 -11.10 -7.38
C THR A 800 3.51 -10.50 -8.73
N VAL A 801 2.54 -10.33 -9.62
CA VAL A 801 2.84 -9.74 -10.93
C VAL A 801 3.35 -8.31 -10.77
N LEU A 802 2.76 -7.55 -9.86
CA LEU A 802 3.20 -6.16 -9.68
C LEU A 802 4.63 -6.09 -9.19
N ASN A 803 4.99 -6.95 -8.23
CA ASN A 803 6.36 -6.92 -7.73
C ASN A 803 7.34 -7.44 -8.76
N LEU A 804 6.88 -8.21 -9.76
CA LEU A 804 7.77 -8.51 -10.89
C LEU A 804 7.95 -7.30 -11.80
N LEU A 805 6.85 -6.60 -12.13
CA LEU A 805 6.98 -5.41 -12.96
C LEU A 805 7.91 -4.39 -12.32
N ALA A 806 7.86 -4.29 -10.99
CA ALA A 806 8.80 -3.43 -10.31
C ALA A 806 10.19 -3.57 -10.88
N ILE A 807 10.79 -4.75 -10.80
CA ILE A 807 12.13 -4.97 -11.32
C ILE A 807 12.18 -4.79 -12.82
N SER A 808 11.26 -5.45 -13.55
CA SER A 808 11.41 -5.59 -14.98
C SER A 808 11.37 -4.24 -15.69
N LEU A 809 10.72 -3.25 -15.12
CA LEU A 809 10.69 -1.92 -15.72
C LEU A 809 11.07 -0.83 -14.73
N GLY A 810 11.81 -1.16 -13.67
CA GLY A 810 12.39 -0.13 -12.85
C GLY A 810 13.88 -0.33 -12.65
N TYR A 811 14.41 -1.43 -13.17
CA TYR A 811 15.84 -1.66 -13.16
C TYR A 811 16.43 -1.71 -14.56
N PHE A 812 15.72 -2.33 -15.50
CA PHE A 812 16.28 -2.61 -16.81
C PHE A 812 15.76 -1.68 -17.90
N GLY A 813 14.60 -1.08 -17.71
CA GLY A 813 14.05 -0.19 -18.70
C GLY A 813 14.91 1.03 -18.93
N PRO A 814 15.34 1.67 -17.84
CA PRO A 814 16.15 2.88 -17.99
C PRO A 814 17.40 2.68 -18.81
N LYS A 815 18.09 1.55 -18.61
CA LYS A 815 19.30 1.32 -19.37
C LYS A 815 18.99 1.08 -20.83
N CYS A 816 17.83 0.49 -21.12
CA CYS A 816 17.40 0.38 -22.50
C CYS A 816 17.21 1.76 -23.11
N TYR A 817 16.63 2.68 -22.35
CA TYR A 817 16.44 4.04 -22.84
C TYR A 817 17.78 4.73 -23.10
N MET A 818 18.73 4.64 -22.15
CA MET A 818 20.03 5.27 -22.35
C MET A 818 20.76 4.66 -23.54
N ILE A 819 20.65 3.35 -23.72
CA ILE A 819 21.35 2.70 -24.84
C ILE A 819 20.75 3.11 -26.17
N LEU A 820 19.42 3.30 -26.23
CA LEU A 820 18.74 3.47 -27.51
C LEU A 820 18.33 4.91 -27.81
N PHE A 821 18.63 5.86 -26.94
CA PHE A 821 18.29 7.24 -27.22
C PHE A 821 19.50 8.17 -27.23
N TYR A 822 20.38 8.06 -26.23
CA TYR A 822 21.54 8.92 -26.11
C TYR A 822 22.82 8.10 -26.12
N PRO A 823 23.79 8.45 -26.98
CA PRO A 823 25.14 7.91 -26.83
C PRO A 823 26.00 8.62 -25.79
N GLU A 824 25.42 9.43 -24.90
CA GLU A 824 26.23 10.16 -23.92
C GLU A 824 27.00 9.19 -23.04
N ARG A 825 26.53 7.96 -22.92
CA ARG A 825 27.23 6.94 -22.17
C ARG A 825 27.92 5.93 -23.09
N ASN A 826 27.34 5.68 -24.26
CA ASN A 826 27.83 4.59 -25.09
C ASN A 826 29.29 4.78 -25.49
N THR A 827 29.74 6.01 -25.65
CA THR A 827 31.09 6.25 -26.14
C THR A 827 32.08 5.58 -25.19
N PRO A 828 33.06 4.84 -25.71
CA PRO A 828 34.09 4.31 -24.82
C PRO A 828 34.76 5.38 -23.99
N ALA A 829 35.05 6.54 -24.58
CA ALA A 829 35.77 7.56 -23.85
C ALA A 829 35.02 8.01 -22.61
N TYR A 830 33.71 8.25 -22.75
CA TYR A 830 32.93 8.74 -21.63
C TYR A 830 32.94 7.74 -20.48
N PHE A 831 32.80 6.45 -20.79
CA PHE A 831 32.71 5.48 -19.72
C PHE A 831 34.06 5.19 -19.09
N ASN A 832 35.14 5.24 -19.88
CA ASN A 832 36.46 5.19 -19.25
C ASN A 832 36.70 6.43 -18.41
N SER A 833 36.01 7.53 -18.72
CA SER A 833 36.09 8.71 -17.88
C SER A 833 35.33 8.52 -16.56
N MET A 834 34.13 7.94 -16.63
CA MET A 834 33.27 7.78 -15.46
C MET A 834 33.64 6.61 -14.56
N ILE A 835 34.27 5.55 -15.08
CA ILE A 835 34.59 4.42 -14.21
C ILE A 835 35.48 4.86 -13.06
N GLN A 836 36.48 5.69 -13.36
CA GLN A 836 37.39 6.14 -12.32
C GLN A 836 36.65 6.87 -11.21
N GLY A 837 35.66 7.68 -11.58
CA GLY A 837 34.86 8.40 -10.61
C GLY A 837 33.59 7.70 -10.23
N THR B 547 -41.98 -17.77 23.77
CA THR B 547 -42.86 -16.77 24.44
C THR B 547 -41.99 -15.88 25.30
N PHE B 548 -41.03 -15.25 24.65
CA PHE B 548 -40.00 -14.46 25.31
C PHE B 548 -40.17 -13.01 24.90
N CYS B 549 -40.13 -12.11 25.89
CA CYS B 549 -40.33 -10.70 25.64
C CYS B 549 -39.62 -10.26 24.37
N GLY B 550 -40.38 -9.64 23.47
CA GLY B 550 -39.89 -9.37 22.13
C GLY B 550 -38.51 -8.76 22.10
N GLN B 551 -37.81 -8.91 20.96
CA GLN B 551 -36.47 -8.36 20.86
C GLN B 551 -36.42 -6.88 21.26
N ASP B 552 -37.58 -6.24 21.37
CA ASP B 552 -37.63 -4.91 21.98
C ASP B 552 -37.37 -4.98 23.48
N GLU B 553 -37.82 -6.06 24.13
CA GLU B 553 -37.55 -6.32 25.54
C GLU B 553 -36.75 -7.60 25.67
N TRP B 554 -35.61 -7.51 26.36
CA TRP B 554 -34.84 -8.67 26.75
C TRP B 554 -34.97 -8.81 28.25
N SER B 555 -35.72 -9.83 28.69
CA SER B 555 -36.00 -10.03 30.10
C SER B 555 -35.00 -11.02 30.68
N PRO B 556 -34.13 -10.62 31.61
CA PRO B 556 -33.13 -11.57 32.11
C PRO B 556 -33.76 -12.76 32.80
N GLU B 557 -32.95 -13.74 33.17
CA GLU B 557 -33.48 -14.99 33.68
C GLU B 557 -34.44 -14.74 34.83
N ARG B 558 -35.23 -15.76 35.14
CA ARG B 558 -36.18 -15.74 36.25
C ARG B 558 -36.88 -14.39 36.36
N SER B 559 -37.53 -14.01 35.26
CA SER B 559 -38.16 -12.69 35.14
C SER B 559 -39.60 -12.88 34.71
N THR B 560 -40.53 -12.38 35.51
CA THR B 560 -41.95 -12.37 35.17
C THR B 560 -42.38 -11.06 34.54
N ARG B 561 -41.46 -10.13 34.31
CA ARG B 561 -41.78 -8.80 33.81
C ARG B 561 -40.62 -8.29 32.98
N CYS B 562 -40.92 -7.84 31.77
CA CYS B 562 -39.89 -7.45 30.82
C CYS B 562 -39.47 -5.99 31.01
N PHE B 563 -38.21 -5.71 30.68
CA PHE B 563 -37.68 -4.35 30.67
C PHE B 563 -37.17 -4.03 29.27
N ARG B 564 -37.58 -2.88 28.74
CA ARG B 564 -37.27 -2.52 27.36
C ARG B 564 -35.78 -2.23 27.21
N ARG B 565 -35.24 -2.61 26.06
CA ARG B 565 -33.85 -2.32 25.75
C ARG B 565 -33.68 -0.84 25.46
N ARG B 566 -32.88 -0.17 26.28
CA ARG B 566 -32.63 1.25 26.07
C ARG B 566 -31.87 1.46 24.77
N SER B 567 -32.00 2.66 24.21
CA SER B 567 -31.29 2.98 22.97
C SER B 567 -29.80 3.09 23.25
N ARG B 568 -29.00 2.65 22.28
CA ARG B 568 -27.55 2.63 22.42
C ARG B 568 -26.94 3.36 21.23
N PHE B 569 -26.31 4.50 21.52
CA PHE B 569 -25.60 5.28 20.52
C PHE B 569 -24.53 6.10 21.23
N LEU B 570 -23.42 6.33 20.54
CA LEU B 570 -22.32 7.10 21.13
C LEU B 570 -22.79 8.53 21.35
N ALA B 571 -23.05 8.89 22.60
CA ALA B 571 -23.65 10.17 22.90
C ALA B 571 -22.58 11.27 22.90
N TRP B 572 -23.00 12.48 23.31
CA TRP B 572 -22.11 13.63 23.38
C TRP B 572 -21.56 13.87 24.77
N GLY B 573 -21.70 12.91 25.68
CA GLY B 573 -21.19 13.07 27.03
C GLY B 573 -20.20 12.01 27.48
N GLU B 574 -19.90 11.05 26.61
CA GLU B 574 -19.01 9.97 27.02
C GLU B 574 -17.64 10.53 27.35
N PRO B 575 -16.86 9.88 28.21
CA PRO B 575 -15.50 10.37 28.46
C PRO B 575 -14.67 10.46 27.20
N ALA B 576 -14.81 9.47 26.32
CA ALA B 576 -13.98 9.44 25.12
C ALA B 576 -14.21 10.66 24.27
N VAL B 577 -15.46 11.06 24.09
CA VAL B 577 -15.74 12.20 23.23
C VAL B 577 -15.20 13.48 23.85
N LEU B 578 -15.23 13.58 25.18
CA LEU B 578 -14.65 14.76 25.81
C LEU B 578 -13.14 14.82 25.57
N LEU B 579 -12.45 13.69 25.73
CA LEU B 579 -11.01 13.70 25.48
C LEU B 579 -10.70 14.07 24.03
N LEU B 580 -11.45 13.49 23.08
CA LEU B 580 -11.19 13.78 21.68
C LEU B 580 -11.55 15.22 21.31
N LEU B 581 -12.56 15.81 21.96
CA LEU B 581 -12.85 17.21 21.72
C LEU B 581 -11.79 18.13 22.30
N LEU B 582 -11.17 17.75 23.42
CA LEU B 582 -10.04 18.52 23.90
C LEU B 582 -8.89 18.47 22.90
N LEU B 583 -8.62 17.29 22.36
CA LEU B 583 -7.64 17.20 21.28
C LEU B 583 -8.04 18.11 20.13
N LEU B 584 -9.34 18.18 19.83
CA LEU B 584 -9.80 19.07 18.77
C LEU B 584 -9.47 20.52 19.09
N SER B 585 -9.63 20.91 20.34
CA SER B 585 -9.31 22.28 20.73
C SER B 585 -7.85 22.58 20.48
N LEU B 586 -6.97 21.65 20.86
CA LEU B 586 -5.54 21.84 20.61
C LEU B 586 -5.25 21.95 19.12
N ALA B 587 -5.87 21.09 18.32
CA ALA B 587 -5.64 21.12 16.87
C ALA B 587 -6.04 22.48 16.30
N LEU B 588 -7.19 22.99 16.73
CA LEU B 588 -7.66 24.24 16.15
C LEU B 588 -6.77 25.39 16.58
N GLY B 589 -6.32 25.38 17.83
CA GLY B 589 -5.43 26.44 18.29
C GLY B 589 -4.17 26.51 17.46
N LEU B 590 -3.50 25.37 17.29
CA LEU B 590 -2.25 25.41 16.55
C LEU B 590 -2.48 25.77 15.09
N VAL B 591 -3.54 25.26 14.47
CA VAL B 591 -3.78 25.55 13.07
C VAL B 591 -4.05 27.04 12.86
N LEU B 592 -4.83 27.65 13.75
CA LEU B 592 -5.12 29.08 13.57
C LEU B 592 -3.90 29.94 13.85
N ALA B 593 -3.04 29.53 14.79
CA ALA B 593 -1.78 30.26 14.95
C ALA B 593 -0.98 30.22 13.66
N ALA B 594 -0.94 29.06 13.01
CA ALA B 594 -0.24 28.95 11.73
C ALA B 594 -0.86 29.90 10.70
N LEU B 595 -2.18 29.92 10.60
CA LEU B 595 -2.82 30.76 9.58
C LEU B 595 -2.51 32.23 9.82
N GLY B 596 -2.56 32.66 11.08
CA GLY B 596 -2.22 34.03 11.39
C GLY B 596 -0.80 34.36 10.96
N LEU B 597 0.16 33.51 11.34
CA LEU B 597 1.53 33.74 10.92
C LEU B 597 1.64 33.84 9.41
N PHE B 598 0.97 32.96 8.68
CA PHE B 598 1.13 32.90 7.23
C PHE B 598 0.48 34.08 6.53
N VAL B 599 -0.51 34.73 7.15
CA VAL B 599 -1.01 36.00 6.63
C VAL B 599 -0.30 37.19 7.26
N HIS B 600 0.64 36.95 8.17
CA HIS B 600 1.41 37.99 8.84
C HIS B 600 2.58 38.45 7.97
N HIS B 601 3.45 37.52 7.58
CA HIS B 601 4.64 37.81 6.79
C HIS B 601 4.46 37.46 5.32
N ARG B 602 3.28 37.73 4.76
CA ARG B 602 2.93 37.16 3.46
C ARG B 602 4.01 37.40 2.41
N ASP B 603 4.57 38.62 2.37
CA ASP B 603 5.50 38.98 1.32
C ASP B 603 6.92 38.46 1.57
N SER B 604 7.19 37.88 2.73
CA SER B 604 8.55 37.52 3.08
C SER B 604 9.10 36.48 2.09
N PRO B 605 10.43 36.44 1.90
CA PRO B 605 10.99 35.48 0.95
C PRO B 605 10.74 34.04 1.33
N LEU B 606 10.85 33.71 2.62
CA LEU B 606 10.60 32.35 3.06
C LEU B 606 9.19 31.92 2.68
N VAL B 607 8.19 32.72 3.01
CA VAL B 607 6.82 32.37 2.68
C VAL B 607 6.61 32.40 1.17
N GLN B 608 7.26 33.34 0.48
CA GLN B 608 7.13 33.40 -0.97
C GLN B 608 7.58 32.10 -1.61
N ALA B 609 8.66 31.51 -1.10
CA ALA B 609 9.10 30.22 -1.62
C ALA B 609 8.09 29.12 -1.30
N SER B 610 7.31 29.28 -0.25
CA SER B 610 6.36 28.24 0.15
C SER B 610 5.11 28.23 -0.73
N GLY B 611 4.72 29.38 -1.26
CA GLY B 611 3.60 29.43 -2.20
C GLY B 611 2.62 30.56 -1.95
N GLY B 612 2.46 30.96 -0.69
CA GLY B 612 1.62 32.06 -0.34
C GLY B 612 0.13 31.74 -0.44
N PRO B 613 -0.58 32.40 -1.35
CA PRO B 613 -2.04 32.24 -1.38
C PRO B 613 -2.47 30.78 -1.49
N LEU B 614 -1.74 29.96 -2.23
CA LEU B 614 -2.00 28.53 -2.18
C LEU B 614 -1.78 28.01 -0.76
N ALA B 615 -0.74 28.49 -0.09
CA ALA B 615 -0.49 28.04 1.28
C ALA B 615 -1.62 28.45 2.21
N CYS B 616 -2.14 29.67 2.04
CA CYS B 616 -3.25 30.12 2.87
C CYS B 616 -4.50 29.30 2.61
N PHE B 617 -4.78 29.01 1.34
CA PHE B 617 -5.89 28.13 1.00
C PHE B 617 -5.72 26.79 1.68
N GLY B 618 -4.51 26.24 1.65
CA GLY B 618 -4.27 24.96 2.29
C GLY B 618 -4.55 25.03 3.78
N LEU B 619 -4.10 26.10 4.43
CA LEU B 619 -4.29 26.18 5.88
C LEU B 619 -5.76 26.31 6.23
N VAL B 620 -6.51 27.12 5.47
CA VAL B 620 -7.94 27.25 5.77
C VAL B 620 -8.66 25.94 5.52
N CYS B 621 -8.26 25.20 4.50
CA CYS B 621 -8.93 23.93 4.24
C CYS B 621 -8.61 22.90 5.32
N LEU B 622 -7.38 22.92 5.85
CA LEU B 622 -7.07 22.04 6.97
C LEU B 622 -7.90 22.40 8.20
N GLY B 623 -8.07 23.69 8.46
CA GLY B 623 -8.97 24.07 9.53
C GLY B 623 -10.37 23.53 9.31
N LEU B 624 -10.86 23.62 8.07
CA LEU B 624 -12.20 23.11 7.77
C LEU B 624 -12.30 21.63 8.08
N VAL B 625 -11.31 20.84 7.64
CA VAL B 625 -11.39 19.40 7.89
C VAL B 625 -11.35 19.13 9.38
N CYS B 626 -10.51 19.86 10.11
CA CYS B 626 -10.45 19.63 11.55
C CYS B 626 -11.79 19.93 12.20
N LEU B 627 -12.46 21.01 11.78
CA LEU B 627 -13.78 21.30 12.30
C LEU B 627 -14.82 20.27 11.88
N SER B 628 -14.55 19.52 10.81
CA SER B 628 -15.48 18.48 10.38
C SER B 628 -15.31 17.19 11.16
N VAL B 629 -14.71 17.23 12.35
CA VAL B 629 -14.60 16.07 13.21
C VAL B 629 -15.77 15.96 14.16
N LEU B 630 -16.76 16.86 14.03
CA LEU B 630 -17.93 16.86 14.89
C LEU B 630 -19.20 16.40 14.17
N LEU B 631 -19.07 15.72 13.04
CA LEU B 631 -20.23 15.15 12.38
C LEU B 631 -20.44 13.67 12.69
N PHE B 632 -19.47 13.02 13.35
CA PHE B 632 -19.53 11.59 13.67
C PHE B 632 -20.32 11.27 14.94
N PRO B 633 -20.09 11.95 16.05
CA PRO B 633 -20.75 11.57 17.30
C PRO B 633 -22.20 11.98 17.29
N GLY B 634 -23.02 11.24 18.04
CA GLY B 634 -24.35 11.66 18.35
C GLY B 634 -25.40 10.71 17.81
N GLN B 635 -26.65 11.09 18.03
CA GLN B 635 -27.77 10.27 17.61
C GLN B 635 -27.71 10.10 16.08
N PRO B 636 -27.73 8.88 15.57
CA PRO B 636 -27.80 8.71 14.12
C PRO B 636 -28.93 9.53 13.52
N SER B 637 -28.62 10.24 12.44
CA SER B 637 -29.55 11.07 11.70
C SER B 637 -29.22 10.93 10.22
N PRO B 638 -30.21 11.12 9.33
CA PRO B 638 -29.95 10.82 7.92
C PRO B 638 -28.97 11.77 7.26
N ALA B 639 -29.14 13.08 7.47
CA ALA B 639 -28.20 14.02 6.90
C ALA B 639 -26.80 13.78 7.44
N ARG B 640 -26.68 13.53 8.75
CA ARG B 640 -25.37 13.29 9.33
C ARG B 640 -24.78 11.97 8.87
N CYS B 641 -25.62 10.95 8.66
CA CYS B 641 -25.11 9.72 8.08
C CYS B 641 -24.58 9.94 6.67
N LEU B 642 -25.30 10.72 5.86
CA LEU B 642 -24.95 10.83 4.46
C LEU B 642 -23.91 11.91 4.19
N ALA B 643 -23.59 12.77 5.16
CA ALA B 643 -22.64 13.84 4.96
C ALA B 643 -21.56 13.81 6.03
N GLN B 644 -20.99 12.63 6.25
CA GLN B 644 -19.98 12.44 7.28
C GLN B 644 -18.60 12.18 6.69
N GLN B 645 -18.48 11.20 5.80
CA GLN B 645 -17.20 10.86 5.21
C GLN B 645 -16.83 11.80 4.06
N PRO B 646 -17.73 12.02 3.10
CA PRO B 646 -17.35 12.88 1.97
C PRO B 646 -16.95 14.28 2.39
N LEU B 647 -17.65 14.85 3.36
CA LEU B 647 -17.32 16.20 3.81
C LEU B 647 -16.10 16.24 4.71
N SER B 648 -15.61 15.09 5.14
CA SER B 648 -14.36 15.02 5.89
C SER B 648 -13.17 14.64 5.01
N HIS B 649 -13.40 14.09 3.82
CA HIS B 649 -12.32 13.74 2.91
C HIS B 649 -12.12 14.76 1.80
N LEU B 650 -13.15 15.50 1.42
CA LEU B 650 -12.95 16.54 0.41
C LEU B 650 -11.89 17.54 0.81
N PRO B 651 -11.93 18.14 2.00
CA PRO B 651 -10.95 19.19 2.31
C PRO B 651 -9.52 18.71 2.27
N LEU B 652 -9.27 17.48 2.70
CA LEU B 652 -7.89 17.02 2.76
C LEU B 652 -7.30 17.03 1.36
N THR B 653 -8.06 16.57 0.36
CA THR B 653 -7.53 16.52 -1.01
C THR B 653 -7.40 17.93 -1.58
N GLY B 654 -8.44 18.74 -1.36
CA GLY B 654 -8.40 20.12 -1.80
C GLY B 654 -7.23 20.90 -1.24
N CYS B 655 -6.71 20.51 -0.07
CA CYS B 655 -5.49 21.10 0.47
C CYS B 655 -4.20 20.42 0.05
N LEU B 656 -4.16 19.09 0.04
CA LEU B 656 -2.93 18.36 -0.26
C LEU B 656 -2.47 18.58 -1.69
N SER B 657 -3.39 18.98 -2.58
CA SER B 657 -2.97 19.46 -3.89
C SER B 657 -1.78 20.41 -3.78
N THR B 658 -1.75 21.24 -2.73
CA THR B 658 -0.73 22.28 -2.64
C THR B 658 0.65 21.70 -2.37
N LEU B 659 0.75 20.79 -1.40
CA LEU B 659 2.04 20.16 -1.14
C LEU B 659 2.50 19.37 -2.36
N PHE B 660 1.56 18.80 -3.12
CA PHE B 660 1.96 18.18 -4.37
C PHE B 660 2.57 19.21 -5.33
N LEU B 661 1.99 20.41 -5.40
CA LEU B 661 2.56 21.46 -6.24
C LEU B 661 4.00 21.76 -5.83
N GLN B 662 4.23 21.93 -4.54
CA GLN B 662 5.58 22.20 -4.06
C GLN B 662 6.54 21.11 -4.50
N ALA B 663 6.15 19.85 -4.29
CA ALA B 663 7.04 18.74 -4.61
C ALA B 663 7.34 18.70 -6.10
N ALA B 664 6.31 18.92 -6.92
CA ALA B 664 6.53 18.93 -8.37
C ALA B 664 7.52 20.01 -8.76
N GLU B 665 7.39 21.21 -8.16
CA GLU B 665 8.31 22.29 -8.50
C GLU B 665 9.74 21.94 -8.11
N ILE B 666 9.95 21.37 -6.93
CA ILE B 666 11.29 20.93 -6.57
C ILE B 666 11.82 19.95 -7.59
N PHE B 667 11.03 18.92 -7.90
CA PHE B 667 11.48 17.87 -8.80
C PHE B 667 11.83 18.41 -10.17
N VAL B 668 11.11 19.44 -10.61
CA VAL B 668 11.29 19.99 -11.95
C VAL B 668 12.75 20.37 -12.17
N GLU B 669 13.37 20.99 -11.18
CA GLU B 669 14.80 21.30 -11.23
C GLU B 669 15.66 20.13 -10.81
N SER B 670 15.27 19.38 -9.77
CA SER B 670 16.15 18.39 -9.20
C SER B 670 16.50 17.26 -10.16
N GLU B 671 15.60 16.86 -11.05
CA GLU B 671 15.88 15.66 -11.84
C GLU B 671 15.78 15.86 -13.35
N LEU B 672 14.83 16.66 -13.82
CA LEU B 672 14.60 16.74 -15.26
C LEU B 672 15.74 17.46 -15.97
N PRO B 673 15.85 17.32 -17.28
CA PRO B 673 16.84 18.12 -18.02
C PRO B 673 16.53 19.61 -17.92
N LEU B 674 17.44 20.40 -18.48
CA LEU B 674 17.42 21.85 -18.24
C LEU B 674 16.28 22.53 -18.98
N SER B 675 16.03 22.16 -20.24
CA SER B 675 15.04 22.85 -21.04
C SER B 675 13.64 22.66 -20.45
N TRP B 676 13.27 21.40 -20.21
CA TRP B 676 11.99 21.13 -19.56
C TRP B 676 11.94 21.76 -18.18
N ALA B 677 13.08 21.81 -17.50
CA ALA B 677 13.12 22.44 -16.18
C ALA B 677 12.71 23.90 -16.28
N ASP B 678 13.29 24.62 -17.23
CA ASP B 678 12.95 26.03 -17.40
C ASP B 678 11.48 26.18 -17.80
N ARG B 679 11.01 25.35 -18.73
CA ARG B 679 9.63 25.47 -19.18
C ARG B 679 8.66 25.25 -18.03
N LEU B 680 8.88 24.19 -17.25
CA LEU B 680 7.98 23.91 -16.12
C LEU B 680 8.09 24.98 -15.05
N SER B 681 9.30 25.49 -14.80
CA SER B 681 9.43 26.60 -13.87
C SER B 681 8.59 27.79 -14.31
N GLY B 682 8.64 28.10 -15.61
CA GLY B 682 7.86 29.21 -16.13
C GLY B 682 6.37 28.97 -16.21
N CYS B 683 5.94 27.70 -16.22
CA CYS B 683 4.52 27.36 -16.32
C CYS B 683 3.88 27.17 -14.96
N LEU B 684 4.38 26.23 -14.15
CA LEU B 684 3.74 25.90 -12.89
C LEU B 684 3.69 27.08 -11.91
N ARG B 685 4.57 28.06 -12.09
CA ARG B 685 4.59 29.20 -11.17
C ARG B 685 3.31 30.02 -11.25
N GLY B 686 2.54 29.90 -12.32
CA GLY B 686 1.40 30.76 -12.54
C GLY B 686 0.08 30.18 -12.08
N PRO B 687 -0.99 30.40 -12.85
CA PRO B 687 -2.30 29.81 -12.52
C PRO B 687 -2.28 28.30 -12.41
N TRP B 688 -1.34 27.65 -13.10
CA TRP B 688 -1.28 26.19 -13.15
C TRP B 688 -1.56 25.57 -11.79
N ALA B 689 -1.10 26.23 -10.72
CA ALA B 689 -1.35 25.72 -9.38
C ALA B 689 -2.84 25.69 -9.09
N TRP B 690 -3.53 26.81 -9.33
CA TRP B 690 -4.97 26.85 -9.08
C TRP B 690 -5.71 25.89 -10.02
N LEU B 691 -5.19 25.73 -11.24
CA LEU B 691 -5.79 24.76 -12.15
C LEU B 691 -5.73 23.36 -11.56
N VAL B 692 -4.59 22.96 -11.04
CA VAL B 692 -4.46 21.61 -10.49
C VAL B 692 -5.32 21.46 -9.24
N VAL B 693 -5.39 22.50 -8.42
CA VAL B 693 -6.28 22.47 -7.27
C VAL B 693 -7.70 22.17 -7.72
N LEU B 694 -8.17 22.88 -8.74
CA LEU B 694 -9.52 22.68 -9.22
C LEU B 694 -9.69 21.26 -9.77
N LEU B 695 -8.68 20.76 -10.45
CA LEU B 695 -8.78 19.41 -11.00
C LEU B 695 -8.98 18.39 -9.91
N ALA B 696 -8.18 18.48 -8.85
CA ALA B 696 -8.34 17.55 -7.74
C ALA B 696 -9.73 17.67 -7.13
N MET B 697 -10.21 18.91 -6.96
CA MET B 697 -11.53 19.10 -6.37
C MET B 697 -12.62 18.44 -7.21
N LEU B 698 -12.56 18.63 -8.53
CA LEU B 698 -13.56 18.04 -9.41
C LEU B 698 -13.51 16.51 -9.33
N VAL B 699 -12.31 15.95 -9.35
CA VAL B 699 -12.20 14.50 -9.26
C VAL B 699 -12.83 14.01 -7.97
N GLU B 700 -12.53 14.68 -6.86
CA GLU B 700 -13.01 14.21 -5.56
C GLU B 700 -14.53 14.30 -5.50
N VAL B 701 -15.12 15.34 -6.06
CA VAL B 701 -16.58 15.44 -6.01
C VAL B 701 -17.21 14.37 -6.88
N ALA B 702 -16.63 14.11 -8.06
CA ALA B 702 -17.19 13.06 -8.91
C ALA B 702 -17.15 11.72 -8.21
N LEU B 703 -16.00 11.39 -7.60
CA LEU B 703 -15.91 10.13 -6.89
C LEU B 703 -16.90 10.07 -5.72
N CYS B 704 -17.05 11.18 -5.00
CA CYS B 704 -18.00 11.21 -3.90
C CYS B 704 -19.40 10.90 -4.38
N THR B 705 -19.83 11.55 -5.47
CA THR B 705 -21.17 11.28 -5.98
C THR B 705 -21.32 9.84 -6.42
N TRP B 706 -20.30 9.29 -7.07
CA TRP B 706 -20.40 7.91 -7.54
C TRP B 706 -20.58 6.97 -6.37
N TYR B 707 -19.71 7.06 -5.38
CA TYR B 707 -19.85 6.19 -4.21
C TYR B 707 -21.17 6.45 -3.50
N LEU B 708 -21.64 7.69 -3.51
CA LEU B 708 -22.90 8.01 -2.85
C LEU B 708 -24.03 7.21 -3.47
N VAL B 709 -24.28 7.44 -4.76
CA VAL B 709 -25.40 6.77 -5.40
C VAL B 709 -25.23 5.26 -5.31
N ALA B 710 -24.00 4.78 -5.48
CA ALA B 710 -23.78 3.34 -5.46
C ALA B 710 -24.18 2.75 -4.12
N PHE B 711 -23.78 3.39 -3.03
CA PHE B 711 -24.03 2.87 -1.69
C PHE B 711 -24.09 4.03 -0.71
N PRO B 712 -25.27 4.61 -0.51
CA PRO B 712 -25.42 5.63 0.54
C PRO B 712 -25.55 4.99 1.91
N PRO B 713 -24.60 5.23 2.82
CA PRO B 713 -24.69 4.60 4.14
C PRO B 713 -26.01 4.95 4.82
N GLU B 714 -26.56 3.99 5.56
CA GLU B 714 -27.85 4.14 6.20
C GLU B 714 -27.77 3.71 7.65
N VAL B 715 -28.77 4.09 8.42
CA VAL B 715 -28.85 3.73 9.83
C VAL B 715 -29.37 2.31 9.95
N VAL B 716 -29.03 1.66 11.07
CA VAL B 716 -29.46 0.30 11.34
C VAL B 716 -29.65 0.14 12.83
N THR B 717 -30.52 -0.78 13.20
CA THR B 717 -30.78 -1.14 14.58
C THR B 717 -30.54 -2.62 14.75
N ASP B 718 -29.64 -2.98 15.68
CA ASP B 718 -29.37 -4.35 16.05
C ASP B 718 -29.93 -4.60 17.44
N TRP B 719 -30.66 -5.70 17.60
CA TRP B 719 -31.32 -6.01 18.85
C TRP B 719 -30.66 -7.15 19.61
N HIS B 720 -29.58 -7.72 19.08
CA HIS B 720 -28.95 -8.88 19.69
C HIS B 720 -27.44 -8.75 19.66
N MET B 721 -26.93 -7.53 19.88
CA MET B 721 -25.49 -7.34 20.02
C MET B 721 -25.05 -7.33 21.48
N LEU B 722 -25.80 -6.65 22.34
CA LEU B 722 -25.60 -6.70 23.77
C LEU B 722 -26.95 -6.96 24.41
N PRO B 723 -26.98 -7.48 25.61
CA PRO B 723 -28.25 -7.97 26.17
C PRO B 723 -29.36 -6.93 26.26
N THR B 724 -29.14 -5.88 27.04
CA THR B 724 -30.21 -5.00 27.48
C THR B 724 -30.26 -3.68 26.73
N GLU B 725 -29.81 -3.63 25.48
CA GLU B 725 -29.82 -2.38 24.74
C GLU B 725 -29.93 -2.65 23.25
N ALA B 726 -30.63 -1.77 22.57
CA ALA B 726 -30.77 -1.82 21.12
C ALA B 726 -29.76 -0.85 20.51
N LEU B 727 -28.82 -1.37 19.74
CA LEU B 727 -27.73 -0.57 19.20
C LEU B 727 -28.18 0.05 17.89
N VAL B 728 -28.26 1.37 17.84
CA VAL B 728 -28.59 2.08 16.61
C VAL B 728 -27.31 2.75 16.12
N HIS B 729 -26.86 2.35 14.93
CA HIS B 729 -25.62 2.90 14.40
C HIS B 729 -25.71 2.92 12.89
N CYS B 730 -24.90 3.79 12.28
CA CYS B 730 -24.86 3.92 10.84
C CYS B 730 -23.88 2.88 10.28
N ARG B 731 -24.36 2.07 9.34
CA ARG B 731 -23.62 0.93 8.84
C ARG B 731 -23.11 1.23 7.44
N THR B 732 -22.00 0.58 7.08
CA THR B 732 -21.34 0.75 5.79
C THR B 732 -21.21 -0.62 5.12
N ARG B 733 -20.43 -0.67 4.04
CA ARG B 733 -20.22 -1.88 3.25
C ARG B 733 -18.71 -2.14 3.15
N SER B 734 -18.22 -3.09 3.96
CA SER B 734 -16.81 -3.44 3.97
C SER B 734 -15.93 -2.21 3.86
N TRP B 735 -14.85 -2.30 3.07
CA TRP B 735 -13.98 -1.16 2.80
C TRP B 735 -14.26 -0.51 1.46
N VAL B 736 -15.37 -0.86 0.81
CA VAL B 736 -15.63 -0.31 -0.52
C VAL B 736 -15.63 1.21 -0.47
N SER B 737 -16.58 1.78 0.28
CA SER B 737 -16.70 3.24 0.33
C SER B 737 -15.48 3.87 0.98
N PHE B 738 -14.93 3.20 2.00
CA PHE B 738 -13.71 3.69 2.63
C PHE B 738 -12.62 3.96 1.59
N GLY B 739 -12.24 2.91 0.84
CA GLY B 739 -11.19 3.08 -0.15
C GLY B 739 -11.57 4.03 -1.26
N LEU B 740 -12.84 4.01 -1.68
CA LEU B 740 -13.25 4.90 -2.76
C LEU B 740 -13.08 6.35 -2.35
N ALA B 741 -13.39 6.67 -1.08
CA ALA B 741 -13.21 8.02 -0.57
C ALA B 741 -11.77 8.30 -0.17
N HIS B 742 -10.93 7.27 -0.05
CA HIS B 742 -9.54 7.44 0.34
C HIS B 742 -8.59 7.55 -0.85
N ALA B 743 -9.03 7.16 -2.05
CA ALA B 743 -8.08 6.93 -3.13
C ALA B 743 -7.24 8.15 -3.47
N THR B 744 -7.88 9.32 -3.68
CA THR B 744 -7.19 10.41 -4.37
C THR B 744 -6.06 10.99 -3.53
N ASN B 745 -6.35 11.32 -2.27
CA ASN B 745 -5.31 11.92 -1.45
C ASN B 745 -4.19 10.93 -1.20
N ALA B 746 -4.50 9.64 -1.14
CA ALA B 746 -3.44 8.64 -1.07
C ALA B 746 -2.55 8.69 -2.32
N THR B 747 -3.18 8.79 -3.49
CA THR B 747 -2.39 8.85 -4.72
C THR B 747 -1.48 10.07 -4.72
N LEU B 748 -2.03 11.23 -4.36
CA LEU B 748 -1.22 12.44 -4.33
C LEU B 748 -0.10 12.33 -3.31
N ALA B 749 -0.39 11.76 -2.14
CA ALA B 749 0.63 11.64 -1.12
C ALA B 749 1.79 10.78 -1.61
N PHE B 750 1.47 9.65 -2.23
CA PHE B 750 2.53 8.79 -2.77
C PHE B 750 3.33 9.53 -3.84
N LEU B 751 2.66 10.29 -4.70
CA LEU B 751 3.38 10.98 -5.76
C LEU B 751 4.35 11.99 -5.18
N CYS B 752 3.93 12.76 -4.19
CA CYS B 752 4.84 13.69 -3.56
C CYS B 752 6.01 12.96 -2.94
N PHE B 753 5.74 11.84 -2.25
CA PHE B 753 6.82 11.14 -1.57
C PHE B 753 7.86 10.65 -2.58
N LEU B 754 7.41 10.07 -3.70
CA LEU B 754 8.36 9.55 -4.67
C LEU B 754 9.05 10.66 -5.45
N GLY B 755 8.44 11.84 -5.54
CA GLY B 755 9.12 12.93 -6.19
C GLY B 755 10.18 13.58 -5.30
N THR B 756 9.98 13.56 -4.00
CA THR B 756 10.85 14.30 -3.09
C THR B 756 11.64 13.44 -2.13
N PHE B 757 11.65 12.12 -2.31
CA PHE B 757 12.33 11.25 -1.36
C PHE B 757 13.84 11.33 -1.49
N LEU B 758 14.35 11.29 -2.72
CA LEU B 758 15.78 11.08 -2.98
C LEU B 758 16.58 12.37 -3.07
N VAL B 759 15.93 13.53 -3.03
CA VAL B 759 16.64 14.79 -3.30
C VAL B 759 17.70 14.99 -2.22
N ARG B 760 18.93 15.21 -2.65
CA ARG B 760 20.03 15.39 -1.71
C ARG B 760 19.73 16.54 -0.77
N SER B 761 19.97 16.31 0.53
CA SER B 761 19.78 17.35 1.52
C SER B 761 20.63 18.56 1.16
N GLN B 762 20.03 19.74 1.24
CA GLN B 762 20.74 20.95 0.85
C GLN B 762 22.02 21.07 1.68
N PRO B 763 23.19 21.22 1.06
CA PRO B 763 24.43 21.28 1.84
C PRO B 763 24.45 22.46 2.80
N GLY B 764 24.45 22.18 4.09
CA GLY B 764 24.50 23.24 5.09
C GLY B 764 23.34 24.20 5.04
N CYS B 765 22.13 23.70 4.84
CA CYS B 765 20.94 24.54 4.80
C CYS B 765 19.71 23.66 4.92
N TYR B 766 18.63 24.24 5.41
CA TYR B 766 17.36 23.51 5.48
C TYR B 766 16.86 23.19 4.09
N ASN B 767 16.44 21.96 3.89
CA ASN B 767 15.97 21.46 2.60
C ASN B 767 14.46 21.47 2.57
N ARG B 768 13.91 21.86 1.42
CA ARG B 768 12.46 21.82 1.24
C ARG B 768 11.92 20.42 1.01
N ALA B 769 12.79 19.41 0.97
CA ALA B 769 12.32 18.04 0.73
C ALA B 769 12.07 17.29 2.04
N ARG B 770 12.82 17.60 3.09
CA ARG B 770 12.72 16.82 4.31
C ARG B 770 11.33 16.91 4.91
N GLY B 771 10.77 18.11 4.95
CA GLY B 771 9.45 18.28 5.52
C GLY B 771 8.37 17.54 4.75
N LEU B 772 8.39 17.67 3.42
CA LEU B 772 7.39 16.98 2.62
C LEU B 772 7.46 15.47 2.82
N THR B 773 8.68 14.91 2.82
CA THR B 773 8.81 13.47 2.97
C THR B 773 8.30 13.00 4.33
N PHE B 774 8.76 13.66 5.40
CA PHE B 774 8.33 13.25 6.73
C PHE B 774 6.87 13.53 6.98
N ALA B 775 6.27 14.47 6.25
CA ALA B 775 4.83 14.71 6.37
C ALA B 775 4.03 13.60 5.69
N MET B 776 4.47 13.18 4.51
CA MET B 776 3.74 12.13 3.80
C MET B 776 3.81 10.79 4.53
N LEU B 777 4.97 10.47 5.11
CA LEU B 777 5.03 9.19 5.80
C LEU B 777 4.06 9.17 6.97
N ALA B 778 3.76 10.34 7.55
CA ALA B 778 2.81 10.40 8.65
C ALA B 778 1.42 9.97 8.19
N TYR B 779 0.97 10.49 7.05
CA TYR B 779 -0.33 10.13 6.54
C TYR B 779 -0.40 8.63 6.25
N PHE B 780 0.62 8.11 5.55
CA PHE B 780 0.63 6.68 5.24
C PHE B 780 0.55 5.85 6.51
N ILE B 781 1.42 6.13 7.47
CA ILE B 781 1.47 5.33 8.69
C ILE B 781 0.14 5.44 9.43
N THR B 782 -0.46 6.62 9.46
CA THR B 782 -1.68 6.79 10.23
C THR B 782 -2.76 5.87 9.72
N TRP B 783 -3.02 5.90 8.41
CA TRP B 783 -4.08 5.04 7.89
C TRP B 783 -3.73 3.55 8.05
N VAL B 784 -2.50 3.19 7.68
CA VAL B 784 -2.10 1.78 7.76
C VAL B 784 -2.15 1.28 9.20
N SER B 785 -2.04 2.17 10.17
CA SER B 785 -1.99 1.74 11.56
C SER B 785 -3.35 1.72 12.21
N PHE B 786 -4.27 2.61 11.84
CA PHE B 786 -5.57 2.52 12.48
C PHE B 786 -6.37 1.36 11.90
N VAL B 787 -6.19 1.02 10.61
CA VAL B 787 -7.06 0.03 9.96
C VAL B 787 -7.29 -1.19 10.86
N PRO B 788 -6.26 -1.88 11.34
CA PRO B 788 -6.52 -3.04 12.22
C PRO B 788 -7.39 -2.69 13.41
N LEU B 789 -7.16 -1.54 14.04
CA LEU B 789 -7.98 -1.16 15.18
C LEU B 789 -9.44 -1.09 14.79
N LEU B 790 -9.74 -0.34 13.73
CA LEU B 790 -11.13 -0.16 13.35
C LEU B 790 -11.76 -1.49 12.96
N ALA B 791 -10.95 -2.44 12.49
CA ALA B 791 -11.48 -3.76 12.18
C ALA B 791 -11.68 -4.63 13.43
N ASN B 792 -11.05 -4.31 14.56
CA ASN B 792 -11.00 -5.20 15.71
C ASN B 792 -11.35 -4.48 17.00
N VAL B 793 -12.48 -3.76 17.03
CA VAL B 793 -12.87 -2.99 18.20
C VAL B 793 -14.34 -3.19 18.48
N GLN B 794 -14.76 -2.76 19.68
CA GLN B 794 -16.15 -2.84 20.09
C GLN B 794 -17.04 -2.13 19.08
N VAL B 795 -18.23 -2.67 18.86
CA VAL B 795 -19.09 -2.13 17.81
C VAL B 795 -19.44 -0.67 18.09
N VAL B 796 -19.84 -0.36 19.32
CA VAL B 796 -20.37 0.98 19.59
C VAL B 796 -19.29 2.03 19.41
N LEU B 797 -18.06 1.77 19.85
CA LEU B 797 -16.98 2.74 19.69
C LEU B 797 -16.52 2.83 18.25
N ARG B 798 -17.19 2.18 17.31
CA ARG B 798 -16.72 2.22 15.94
C ARG B 798 -16.83 3.62 15.35
N PRO B 799 -17.98 4.30 15.40
CA PRO B 799 -17.96 5.71 15.05
C PRO B 799 -16.82 6.48 15.64
N ALA B 800 -16.29 6.07 16.78
CA ALA B 800 -15.32 6.87 17.49
C ALA B 800 -13.91 6.60 17.05
N VAL B 801 -13.71 5.80 16.00
CA VAL B 801 -12.37 5.50 15.54
C VAL B 801 -12.04 6.39 14.37
N GLN B 802 -12.92 6.43 13.36
CA GLN B 802 -12.71 7.34 12.25
C GLN B 802 -12.41 8.74 12.77
N MET B 803 -13.27 9.25 13.65
CA MET B 803 -13.06 10.53 14.30
C MET B 803 -11.61 10.76 14.65
N GLY B 804 -11.00 9.81 15.35
CA GLY B 804 -9.67 10.03 15.86
C GLY B 804 -8.64 10.18 14.75
N ALA B 805 -8.71 9.31 13.73
CA ALA B 805 -7.66 9.30 12.73
C ALA B 805 -7.44 10.68 12.15
N LEU B 806 -8.51 11.31 11.67
CA LEU B 806 -8.38 12.59 11.00
C LEU B 806 -7.68 13.60 11.88
N LEU B 807 -7.81 13.50 13.20
CA LEU B 807 -7.07 14.40 14.07
C LEU B 807 -5.59 14.10 14.02
N LEU B 808 -5.18 12.90 14.41
CA LEU B 808 -3.75 12.63 14.55
C LEU B 808 -3.05 12.93 13.23
N CYS B 809 -3.61 12.46 12.13
CA CYS B 809 -3.02 12.71 10.82
C CYS B 809 -2.71 14.18 10.63
N VAL B 810 -3.68 15.06 10.85
CA VAL B 810 -3.44 16.47 10.62
C VAL B 810 -2.36 16.98 11.57
N LEU B 811 -2.39 16.50 12.82
CA LEU B 811 -1.38 16.90 13.78
C LEU B 811 0.01 16.55 13.27
N GLY B 812 0.12 15.54 12.41
CA GLY B 812 1.40 15.24 11.81
C GLY B 812 1.82 16.27 10.78
N ILE B 813 0.91 16.64 9.88
CA ILE B 813 1.26 17.55 8.81
C ILE B 813 1.66 18.90 9.41
N LEU B 814 0.88 19.39 10.33
CA LEU B 814 1.17 20.68 10.95
C LEU B 814 2.37 20.63 11.79
N ALA B 815 3.05 19.48 11.87
CA ALA B 815 4.33 19.37 12.53
C ALA B 815 5.45 18.93 11.59
N ALA B 816 5.22 18.96 10.27
CA ALA B 816 6.20 18.48 9.32
C ALA B 816 6.43 19.43 8.15
N PHE B 817 5.50 20.31 7.86
CA PHE B 817 5.61 21.26 6.75
C PHE B 817 5.30 22.68 7.15
N HIS B 818 4.31 22.88 8.03
CA HIS B 818 3.92 24.22 8.44
C HIS B 818 4.57 24.66 9.73
N LEU B 819 4.68 23.76 10.70
CA LEU B 819 5.34 24.13 11.95
C LEU B 819 6.77 24.56 11.73
N PRO B 820 7.59 23.87 10.93
CA PRO B 820 8.98 24.33 10.76
C PRO B 820 9.09 25.71 10.11
N ARG B 821 8.33 25.97 9.04
CA ARG B 821 8.39 27.29 8.43
C ARG B 821 7.88 28.35 9.40
N CYS B 822 6.81 28.03 10.13
CA CYS B 822 6.27 28.99 11.09
C CYS B 822 7.28 29.28 12.19
N TYR B 823 7.99 28.26 12.65
CA TYR B 823 9.00 28.46 13.69
C TYR B 823 10.12 29.34 13.17
N LEU B 824 10.61 29.05 11.98
CA LEU B 824 11.61 29.92 11.38
C LEU B 824 11.11 31.35 11.34
N LEU B 825 9.91 31.57 10.80
CA LEU B 825 9.38 32.92 10.71
C LEU B 825 9.37 33.59 12.07
N MET B 826 8.84 32.90 13.09
CA MET B 826 8.96 33.39 14.46
C MET B 826 10.37 33.87 14.75
N ARG B 827 11.37 33.09 14.35
CA ARG B 827 12.75 33.44 14.64
C ARG B 827 13.44 34.18 13.50
N GLN B 828 12.72 34.54 12.45
CA GLN B 828 13.34 35.34 11.39
C GLN B 828 13.90 36.65 11.91
N PRO B 829 13.18 37.43 12.72
CA PRO B 829 13.78 38.67 13.26
C PRO B 829 15.05 38.44 14.04
N GLY B 830 15.12 37.34 14.80
CA GLY B 830 16.33 37.05 15.56
C GLY B 830 17.43 36.38 14.77
N LEU B 831 17.07 35.72 13.66
CA LEU B 831 18.09 35.06 12.84
C LEU B 831 19.00 36.07 12.16
N ASN B 832 18.46 37.20 11.74
CA ASN B 832 19.26 38.24 11.10
C ASN B 832 19.21 39.54 11.91
#